data_7EBL
#
_entry.id   7EBL
#
_cell.length_a   35.247
_cell.length_b   98.599
_cell.length_c   50.655
_cell.angle_alpha   90.000
_cell.angle_beta   108.184
_cell.angle_gamma   90.000
#
_symmetry.space_group_name_H-M   'P 1 21 1'
#
loop_
_entity.id
_entity.type
_entity.pdbx_description
1 polymer STING
2 non-polymer "9,9'-[(2R,3R,3aS,5S,7aR,9R,10R,10aS,12S,14aR)-3,5,10,12-tetrahydroxy-5,12-dioxidooctahydro-2H,7H-difuro[3,2-d:3',2'-j][1,3,7,9,2,8]tetraoxadiphosphacyclododecine-2,9-diyl]bis(2-amino-1,9-dihydro-6H-purin-6-one)"
3 water water
#
_entity_poly.entity_id   1
_entity_poly.type   'polypeptide(L)'
_entity_poly.pdbx_seq_one_letter_code
;GIHLGELGLLPSTVLAIGYFENLVNIICESLNMLPKLEVSGKEYKKFKFTIVIPKDLDANIKKRAKIYFKQKSLIEIEIP
TSSRNYPIHIQFDENSTDDILHLYDMPTTIGGIDKAIEMFMRKGHIGKTDQQKLLEERELRNFKTTLENLIATDAFAKEM
VEVIIEE
;
_entity_poly.pdbx_strand_id   A,B
#
# COMPACT_ATOMS: atom_id res chain seq x y z
N LEU A 4 19.57 -5.74 -20.88
CA LEU A 4 19.99 -6.86 -20.04
C LEU A 4 20.38 -6.37 -18.65
N GLY A 5 20.92 -5.16 -18.57
CA GLY A 5 21.33 -4.57 -17.30
C GLY A 5 20.48 -3.37 -16.91
N GLU A 6 19.17 -3.52 -17.02
CA GLU A 6 18.22 -2.44 -16.75
C GLU A 6 17.49 -2.70 -15.44
N LEU A 7 17.05 -1.62 -14.80
CA LEU A 7 16.25 -1.73 -13.58
C LEU A 7 14.95 -2.43 -13.87
N GLY A 8 14.68 -3.51 -13.14
CA GLY A 8 13.49 -4.31 -13.36
C GLY A 8 13.45 -5.43 -12.35
N LEU A 9 12.29 -5.67 -11.75
CA LEU A 9 12.19 -6.63 -10.65
C LEU A 9 10.91 -7.42 -10.76
N LEU A 10 10.89 -8.55 -10.05
CA LEU A 10 9.65 -9.27 -9.83
C LEU A 10 8.68 -8.37 -9.07
N PRO A 11 7.41 -8.33 -9.48
CA PRO A 11 6.45 -7.51 -8.72
C PRO A 11 6.32 -7.93 -7.27
N SER A 12 6.41 -9.23 -6.99
CA SER A 12 6.28 -9.72 -5.62
C SER A 12 7.38 -9.13 -4.73
N THR A 13 8.60 -9.00 -5.26
CA THR A 13 9.69 -8.43 -4.48
C THR A 13 9.38 -7.00 -4.08
N VAL A 14 8.98 -6.19 -5.05
CA VAL A 14 8.72 -4.78 -4.81
C VAL A 14 7.58 -4.62 -3.82
N LEU A 15 6.49 -5.37 -4.05
CA LEU A 15 5.32 -5.26 -3.19
C LEU A 15 5.63 -5.74 -1.77
N ALA A 16 6.45 -6.78 -1.62
CA ALA A 16 6.80 -7.25 -0.28
C ALA A 16 7.65 -6.23 0.47
N ILE A 17 8.58 -5.58 -0.24
CA ILE A 17 9.36 -4.50 0.38
C ILE A 17 8.44 -3.41 0.91
N GLY A 18 7.51 -2.96 0.06
CA GLY A 18 6.58 -1.92 0.50
C GLY A 18 5.75 -2.36 1.69
N TYR A 19 5.25 -3.59 1.66
CA TYR A 19 4.40 -4.10 2.71
C TYR A 19 5.14 -4.20 4.05
N PHE A 20 6.40 -4.64 4.02
CA PHE A 20 7.17 -4.73 5.24
C PHE A 20 7.47 -3.35 5.81
N GLU A 21 7.92 -2.43 4.94
CA GLU A 21 8.35 -1.14 5.46
C GLU A 21 7.16 -0.32 5.97
N ASN A 22 6.03 -0.38 5.26
CA ASN A 22 4.94 0.54 5.52
C ASN A 22 3.76 -0.12 6.23
N LEU A 23 3.89 -1.36 6.67
CA LEU A 23 2.87 -1.92 7.55
C LEU A 23 3.48 -2.79 8.65
N VAL A 24 4.28 -3.81 8.28
CA VAL A 24 4.79 -4.73 9.29
C VAL A 24 5.63 -3.99 10.32
N ASN A 25 6.63 -3.24 9.84
CA ASN A 25 7.55 -2.58 10.75
C ASN A 25 6.84 -1.53 11.59
N ILE A 26 5.88 -0.81 11.00
CA ILE A 26 5.22 0.21 11.80
C ILE A 26 4.28 -0.41 12.83
N ILE A 27 3.65 -1.55 12.52
CA ILE A 27 2.86 -2.26 13.54
C ILE A 27 3.76 -2.68 14.69
N CYS A 28 4.90 -3.31 14.38
CA CYS A 28 5.79 -3.75 15.45
C CYS A 28 6.27 -2.58 16.29
N GLU A 29 6.66 -1.48 15.63
CA GLU A 29 7.17 -0.33 16.37
C GLU A 29 6.09 0.36 17.21
N SER A 30 4.88 0.49 16.66
CA SER A 30 3.79 1.10 17.43
C SER A 30 3.44 0.27 18.65
N LEU A 31 3.34 -1.06 18.48
CA LEU A 31 2.91 -1.88 19.60
C LEU A 31 3.99 -2.04 20.65
N ASN A 32 5.26 -1.94 20.27
CA ASN A 32 6.31 -2.05 21.27
C ASN A 32 6.56 -0.73 22.01
N MET A 33 6.07 0.40 21.49
CA MET A 33 6.15 1.68 22.17
C MET A 33 5.24 1.74 23.38
N LEU A 34 4.14 1.02 23.33
CA LEU A 34 3.15 1.08 24.39
C LEU A 34 3.62 0.37 25.64
N PRO A 35 3.50 0.99 26.82
CA PRO A 35 3.95 0.32 28.05
C PRO A 35 3.18 -0.96 28.35
N LYS A 36 1.93 -1.08 27.87
CA LYS A 36 1.18 -2.33 27.99
C LYS A 36 0.13 -2.39 26.88
N LEU A 37 -0.30 -3.59 26.56
CA LEU A 37 -1.27 -3.80 25.49
C LEU A 37 -2.64 -4.04 26.10
N GLU A 38 -3.61 -3.23 25.70
CA GLU A 38 -4.97 -3.30 26.19
C GLU A 38 -5.97 -3.03 25.07
N VAL A 39 -7.05 -3.81 25.05
CA VAL A 39 -8.15 -3.58 24.11
C VAL A 39 -9.45 -3.80 24.86
N SER A 40 -10.32 -2.79 24.82
CA SER A 40 -11.65 -2.87 25.46
C SER A 40 -11.53 -3.33 26.91
N GLY A 41 -10.54 -2.80 27.61
CA GLY A 41 -10.35 -3.14 29.01
C GLY A 41 -9.70 -4.48 29.28
N LYS A 42 -9.26 -5.21 28.25
CA LYS A 42 -8.60 -6.49 28.46
C LYS A 42 -7.12 -6.29 28.22
N GLU A 43 -6.32 -6.98 29.04
CA GLU A 43 -4.88 -6.84 29.00
C GLU A 43 -4.27 -8.04 28.30
N TYR A 44 -3.26 -7.78 27.50
CA TYR A 44 -2.54 -8.80 26.76
C TYR A 44 -1.07 -8.67 27.13
N LYS A 45 -0.40 -9.81 27.28
CA LYS A 45 0.99 -9.75 27.66
C LYS A 45 1.93 -9.85 26.47
N LYS A 46 1.46 -10.42 25.36
CA LYS A 46 2.16 -10.52 24.09
C LYS A 46 1.22 -10.13 22.97
N PHE A 47 1.80 -9.89 21.81
CA PHE A 47 1.02 -9.80 20.60
C PHE A 47 1.71 -10.69 19.57
N LYS A 48 0.90 -11.26 18.70
CA LYS A 48 1.38 -12.02 17.56
C LYS A 48 0.67 -11.47 16.34
N PHE A 49 1.43 -11.13 15.32
CA PHE A 49 0.89 -10.64 14.06
C PHE A 49 1.07 -11.74 13.02
N THR A 50 -0.04 -12.24 12.48
CA THR A 50 -0.03 -13.31 11.50
C THR A 50 -0.40 -12.73 10.14
N ILE A 51 0.52 -12.85 9.19
CA ILE A 51 0.31 -12.41 7.81
C ILE A 51 -0.14 -13.62 7.00
N VAL A 52 -1.35 -13.56 6.45
CA VAL A 52 -1.95 -14.67 5.73
C VAL A 52 -1.77 -14.42 4.23
N ILE A 53 -0.96 -15.25 3.60
CA ILE A 53 -0.75 -15.20 2.15
C ILE A 53 -1.89 -15.96 1.47
N PRO A 54 -2.54 -15.39 0.46
CA PRO A 54 -3.68 -16.06 -0.18
C PRO A 54 -3.26 -17.37 -0.86
N LYS A 55 -4.19 -18.34 -0.84
CA LYS A 55 -3.96 -19.61 -1.52
C LYS A 55 -3.96 -19.42 -3.04
N ASP A 56 -4.86 -18.60 -3.56
CA ASP A 56 -4.98 -18.29 -4.97
C ASP A 56 -4.80 -16.80 -5.19
N LEU A 57 -4.28 -16.43 -6.35
CA LEU A 57 -3.99 -15.05 -6.69
C LEU A 57 -5.21 -14.43 -7.38
N ASP A 58 -6.02 -13.68 -6.63
CA ASP A 58 -7.07 -12.84 -7.18
C ASP A 58 -6.58 -11.41 -7.32
N ALA A 59 -7.10 -10.70 -8.33
CA ALA A 59 -6.75 -9.30 -8.51
C ALA A 59 -7.20 -8.43 -7.34
N ASN A 60 -8.32 -8.78 -6.70
CA ASN A 60 -8.89 -8.01 -5.60
C ASN A 60 -8.76 -8.84 -4.32
N ILE A 61 -7.68 -8.61 -3.56
CA ILE A 61 -7.45 -9.37 -2.34
C ILE A 61 -8.34 -8.92 -1.18
N LYS A 62 -8.90 -7.72 -1.23
CA LYS A 62 -9.82 -7.30 -0.18
C LYS A 62 -11.04 -8.22 -0.09
N LYS A 63 -11.60 -8.61 -1.23
CA LYS A 63 -12.75 -9.50 -1.21
C LYS A 63 -12.39 -10.86 -0.61
N ARG A 64 -11.24 -11.40 -1.01
CA ARG A 64 -10.78 -12.67 -0.47
C ARG A 64 -10.53 -12.58 1.03
N ALA A 65 -9.93 -11.47 1.47
CA ALA A 65 -9.68 -11.25 2.89
C ALA A 65 -10.99 -11.16 3.68
N LYS A 66 -12.00 -10.47 3.13
CA LYS A 66 -13.28 -10.39 3.80
C LYS A 66 -13.88 -11.78 4.01
N ILE A 67 -13.83 -12.61 2.96
CA ILE A 67 -14.35 -13.97 3.12
C ILE A 67 -13.56 -14.73 4.19
N TYR A 68 -12.23 -14.63 4.13
CA TYR A 68 -11.38 -15.37 5.06
C TYR A 68 -11.61 -14.92 6.51
N PHE A 69 -11.62 -13.60 6.74
CA PHE A 69 -11.83 -13.06 8.07
C PHE A 69 -13.23 -13.41 8.60
N LYS A 70 -14.23 -13.41 7.72
CA LYS A 70 -15.56 -13.82 8.16
C LYS A 70 -15.56 -15.28 8.59
N GLN A 71 -14.86 -16.13 7.84
CA GLN A 71 -14.78 -17.54 8.22
C GLN A 71 -14.09 -17.70 9.57
N LYS A 72 -13.09 -16.86 9.85
CA LYS A 72 -12.32 -16.94 11.09
C LYS A 72 -12.94 -16.15 12.23
N SER A 73 -14.04 -15.44 11.98
CA SER A 73 -14.69 -14.60 12.99
C SER A 73 -13.69 -13.65 13.66
N LEU A 74 -12.91 -12.97 12.81
CA LEU A 74 -11.98 -11.93 13.21
C LEU A 74 -12.59 -10.57 12.89
N ILE A 75 -12.35 -9.59 13.76
CA ILE A 75 -12.98 -8.29 13.61
C ILE A 75 -11.92 -7.19 13.48
N GLU A 76 -12.35 -6.03 12.99
CA GLU A 76 -11.46 -4.91 12.74
C GLU A 76 -10.93 -4.33 14.05
N ILE A 77 -9.68 -3.86 14.01
CA ILE A 77 -9.08 -3.15 15.13
C ILE A 77 -8.21 -2.01 14.59
N GLU A 78 -8.23 -0.88 15.29
CA GLU A 78 -7.51 0.33 14.93
C GLU A 78 -6.42 0.57 15.96
N ILE A 79 -5.20 0.69 15.49
CA ILE A 79 -4.01 0.84 16.31
C ILE A 79 -3.39 2.21 16.04
N PRO A 80 -3.23 3.08 17.03
CA PRO A 80 -2.62 4.39 16.79
C PRO A 80 -1.13 4.25 16.54
N THR A 81 -0.60 5.18 15.76
CA THR A 81 0.82 5.17 15.43
C THR A 81 1.35 6.59 15.28
N SER A 82 2.58 6.78 15.71
CA SER A 82 3.33 8.00 15.50
C SER A 82 4.25 7.90 14.28
N SER A 83 4.32 6.73 13.64
CA SER A 83 5.16 6.55 12.46
C SER A 83 4.44 6.91 11.18
N ARG A 84 3.22 7.41 11.29
CA ARG A 84 2.38 7.67 10.14
C ARG A 84 1.27 8.62 10.58
N ASN A 85 0.82 9.47 9.65
CA ASN A 85 -0.19 10.45 10.01
C ASN A 85 -1.61 9.88 10.04
N TYR A 86 -1.77 8.56 10.01
CA TYR A 86 -3.07 7.96 10.26
C TYR A 86 -2.87 6.56 10.84
N PRO A 87 -3.81 6.08 11.65
CA PRO A 87 -3.57 4.83 12.38
C PRO A 87 -3.61 3.60 11.48
N ILE A 88 -3.12 2.50 12.03
CA ILE A 88 -3.10 1.19 11.39
C ILE A 88 -4.44 0.50 11.58
N HIS A 89 -4.96 -0.12 10.52
CA HIS A 89 -6.21 -0.86 10.59
C HIS A 89 -5.96 -2.32 10.20
N ILE A 90 -6.13 -3.23 11.15
CA ILE A 90 -5.97 -4.65 10.83
C ILE A 90 -7.12 -5.43 11.45
N GLN A 91 -6.95 -6.74 11.56
CA GLN A 91 -7.95 -7.61 12.15
C GLN A 91 -7.37 -8.25 13.40
N PHE A 92 -8.24 -8.62 14.33
CA PHE A 92 -7.80 -9.33 15.53
C PHE A 92 -8.91 -10.26 15.98
N ASP A 93 -8.53 -11.16 16.89
CA ASP A 93 -9.43 -12.19 17.41
C ASP A 93 -9.95 -11.70 18.77
N GLU A 94 -11.19 -11.20 18.78
CA GLU A 94 -11.81 -10.76 20.02
C GLU A 94 -12.32 -11.91 20.89
N ASN A 95 -12.30 -13.15 20.39
CA ASN A 95 -12.79 -14.28 21.17
C ASN A 95 -11.67 -15.14 21.73
N SER A 96 -10.43 -14.67 21.64
CA SER A 96 -9.33 -15.40 22.24
C SER A 96 -9.34 -15.20 23.75
N THR A 97 -8.85 -16.21 24.47
CA THR A 97 -8.89 -16.22 25.92
C THR A 97 -7.52 -16.52 26.55
N ASP A 98 -6.41 -16.26 25.86
CA ASP A 98 -5.12 -16.73 26.36
C ASP A 98 -4.10 -15.63 26.54
N ASP A 99 -4.53 -14.38 26.65
CA ASP A 99 -3.71 -13.21 27.00
C ASP A 99 -2.75 -12.81 25.89
N ILE A 100 -2.83 -13.41 24.71
CA ILE A 100 -2.04 -13.01 23.55
C ILE A 100 -2.93 -12.19 22.62
N LEU A 101 -2.45 -11.02 22.20
CA LEU A 101 -3.16 -10.22 21.21
C LEU A 101 -2.90 -10.83 19.84
N HIS A 102 -3.92 -11.47 19.26
CA HIS A 102 -3.78 -12.12 17.96
C HIS A 102 -4.22 -11.16 16.86
N LEU A 103 -3.26 -10.68 16.08
CA LEU A 103 -3.51 -9.76 14.99
C LEU A 103 -3.32 -10.47 13.66
N TYR A 104 -4.09 -10.05 12.65
CA TYR A 104 -4.12 -10.72 11.36
C TYR A 104 -4.24 -9.70 10.24
N ASP A 105 -3.65 -10.03 9.09
CA ASP A 105 -3.86 -9.26 7.87
C ASP A 105 -3.61 -10.13 6.67
N MET A 106 -4.38 -9.90 5.60
CA MET A 106 -4.10 -10.51 4.30
C MET A 106 -3.67 -9.40 3.35
N PRO A 107 -2.41 -9.39 2.88
CA PRO A 107 -1.88 -8.20 2.18
C PRO A 107 -2.61 -7.84 0.92
N THR A 108 -3.33 -6.72 0.96
CA THR A 108 -4.09 -6.29 -0.21
C THR A 108 -3.18 -5.93 -1.38
N THR A 109 -1.96 -5.44 -1.09
CA THR A 109 -1.02 -5.06 -2.14
C THR A 109 -0.74 -6.22 -3.11
N ILE A 110 -0.87 -7.46 -2.63
CA ILE A 110 -0.66 -8.65 -3.45
C ILE A 110 -1.49 -8.61 -4.72
N GLY A 111 -2.67 -8.00 -4.66
CA GLY A 111 -3.53 -7.95 -5.83
C GLY A 111 -2.80 -7.45 -7.06
N GLY A 112 -1.87 -6.51 -6.88
CA GLY A 112 -1.17 -5.94 -8.03
C GLY A 112 -0.47 -6.99 -8.88
N ILE A 113 0.07 -8.03 -8.25
CA ILE A 113 0.76 -9.09 -8.98
C ILE A 113 -0.11 -9.58 -10.14
N ASP A 114 -1.41 -9.75 -9.90
CA ASP A 114 -2.28 -10.31 -10.92
C ASP A 114 -2.20 -9.48 -12.20
N LYS A 115 -2.34 -8.15 -12.08
CA LYS A 115 -2.25 -7.30 -13.27
C LYS A 115 -0.93 -7.52 -13.99
N ALA A 116 0.17 -7.48 -13.23
CA ALA A 116 1.48 -7.69 -13.83
C ALA A 116 1.52 -9.00 -14.62
N ILE A 117 0.97 -10.07 -14.05
CA ILE A 117 0.98 -11.34 -14.74
C ILE A 117 0.14 -11.28 -16.01
N GLU A 118 -1.04 -10.63 -15.92
CA GLU A 118 -1.93 -10.61 -17.09
C GLU A 118 -1.28 -9.91 -18.27
N MET A 119 -0.64 -8.77 -18.03
CA MET A 119 0.04 -8.09 -19.11
C MET A 119 1.19 -8.94 -19.64
N PHE A 120 1.86 -9.68 -18.74
CA PHE A 120 2.99 -10.51 -19.12
C PHE A 120 2.56 -11.63 -20.05
N MET A 121 1.34 -12.11 -19.92
CA MET A 121 0.88 -13.26 -20.67
C MET A 121 0.33 -12.90 -22.06
N ARG A 122 0.21 -11.61 -22.37
CA ARG A 122 -0.35 -11.17 -23.67
C ARG A 122 -1.65 -11.91 -23.97
N LYS A 123 -2.56 -11.89 -23.00
CA LYS A 123 -3.76 -12.71 -23.09
C LYS A 123 -4.68 -12.27 -24.24
N GLY A 124 -5.15 -13.24 -25.02
CA GLY A 124 -6.09 -12.97 -26.09
C GLY A 124 -7.40 -13.71 -25.92
N HIS A 125 -7.55 -14.40 -24.79
CA HIS A 125 -8.72 -15.21 -24.51
C HIS A 125 -9.09 -15.08 -23.04
N ILE A 126 -10.35 -15.36 -22.74
CA ILE A 126 -10.79 -15.37 -21.35
C ILE A 126 -10.44 -16.72 -20.76
N GLY A 127 -9.83 -16.70 -19.57
CA GLY A 127 -9.44 -17.92 -18.88
C GLY A 127 -7.98 -17.94 -18.51
N LYS A 128 -7.64 -18.75 -17.49
CA LYS A 128 -6.28 -18.88 -16.99
C LYS A 128 -5.71 -20.23 -17.44
N THR A 129 -4.63 -20.19 -18.21
CA THR A 129 -3.89 -21.40 -18.54
C THR A 129 -3.13 -21.87 -17.31
N ASP A 130 -2.76 -23.16 -17.31
CA ASP A 130 -2.00 -23.70 -16.19
C ASP A 130 -0.64 -23.03 -16.05
N GLN A 131 -0.09 -22.49 -17.14
CA GLN A 131 1.14 -21.71 -17.02
C GLN A 131 0.91 -20.44 -16.23
N GLN A 132 -0.20 -19.75 -16.47
CA GLN A 132 -0.50 -18.55 -15.70
C GLN A 132 -0.69 -18.89 -14.22
N LYS A 133 -1.42 -19.97 -13.93
CA LYS A 133 -1.63 -20.38 -12.53
C LYS A 133 -0.31 -20.74 -11.85
N LEU A 134 0.56 -21.46 -12.55
CA LEU A 134 1.87 -21.79 -11.99
C LEU A 134 2.67 -20.53 -11.69
N LEU A 135 2.63 -19.56 -12.60
CA LEU A 135 3.34 -18.30 -12.37
C LEU A 135 2.77 -17.54 -11.18
N GLU A 136 1.44 -17.55 -11.03
CA GLU A 136 0.82 -16.88 -9.89
C GLU A 136 1.28 -17.50 -8.59
N GLU A 137 1.30 -18.84 -8.53
CA GLU A 137 1.76 -19.52 -7.32
C GLU A 137 3.22 -19.24 -7.03
N ARG A 138 4.06 -19.20 -8.07
CA ARG A 138 5.47 -18.88 -7.89
C ARG A 138 5.64 -17.48 -7.33
N GLU A 139 4.82 -16.54 -7.80
CA GLU A 139 4.89 -15.16 -7.31
C GLU A 139 4.42 -15.04 -5.87
N LEU A 140 3.37 -15.79 -5.51
CA LEU A 140 2.94 -15.83 -4.10
C LEU A 140 4.04 -16.38 -3.21
N ARG A 141 4.72 -17.44 -3.67
CA ARG A 141 5.85 -17.99 -2.92
C ARG A 141 6.96 -16.95 -2.77
N ASN A 142 7.27 -16.23 -3.84
CA ASN A 142 8.36 -15.25 -3.75
C ASN A 142 7.99 -14.08 -2.86
N PHE A 143 6.72 -13.68 -2.86
CA PHE A 143 6.26 -12.66 -1.92
C PHE A 143 6.48 -13.12 -0.48
N LYS A 144 6.07 -14.35 -0.18
CA LYS A 144 6.25 -14.88 1.16
C LYS A 144 7.71 -14.94 1.54
N THR A 145 8.56 -15.44 0.63
CA THR A 145 9.99 -15.56 0.91
C THR A 145 10.63 -14.19 1.16
N THR A 146 10.32 -13.21 0.30
CA THR A 146 10.90 -11.89 0.48
C THR A 146 10.48 -11.28 1.80
N LEU A 147 9.19 -11.42 2.15
CA LEU A 147 8.70 -10.93 3.44
C LEU A 147 9.43 -11.58 4.61
N GLU A 148 9.59 -12.91 4.55
CA GLU A 148 10.26 -13.63 5.64
C GLU A 148 11.72 -13.20 5.78
N ASN A 149 12.39 -13.00 4.64
CA ASN A 149 13.78 -12.51 4.67
C ASN A 149 13.86 -11.12 5.27
N LEU A 150 12.88 -10.26 4.98
CA LEU A 150 12.87 -8.93 5.58
C LEU A 150 12.59 -8.99 7.08
N ILE A 151 11.69 -9.90 7.49
CA ILE A 151 11.36 -10.06 8.89
C ILE A 151 12.58 -10.54 9.67
N ALA A 152 13.39 -11.41 9.06
CA ALA A 152 14.59 -11.90 9.73
C ALA A 152 15.57 -10.78 10.08
N THR A 153 15.47 -9.62 9.46
CA THR A 153 16.39 -8.52 9.71
C THR A 153 15.94 -7.59 10.84
N ASP A 154 14.82 -7.88 11.50
CA ASP A 154 14.26 -7.02 12.54
C ASP A 154 13.95 -7.86 13.77
N ALA A 155 14.48 -7.44 14.93
CA ALA A 155 14.30 -8.25 16.15
C ALA A 155 12.83 -8.31 16.56
N PHE A 156 12.13 -7.17 16.51
CA PHE A 156 10.69 -7.16 16.80
C PHE A 156 9.92 -8.09 15.87
N ALA A 157 10.09 -7.91 14.55
CA ALA A 157 9.32 -8.71 13.60
C ALA A 157 9.67 -10.19 13.71
N LYS A 158 10.96 -10.48 13.87
CA LYS A 158 11.40 -11.86 14.03
C LYS A 158 10.74 -12.50 15.25
N GLU A 159 10.61 -11.74 16.33
CA GLU A 159 10.03 -12.27 17.57
C GLU A 159 8.51 -12.43 17.50
N MET A 160 7.82 -11.49 16.85
CA MET A 160 6.38 -11.37 17.04
C MET A 160 5.53 -11.49 15.77
N VAL A 161 6.14 -11.74 14.62
CA VAL A 161 5.43 -11.83 13.34
C VAL A 161 5.63 -13.22 12.77
N GLU A 162 4.57 -13.77 12.20
CA GLU A 162 4.65 -15.03 11.47
C GLU A 162 3.92 -14.88 10.15
N VAL A 163 4.34 -15.66 9.16
CA VAL A 163 3.75 -15.62 7.83
C VAL A 163 3.28 -17.03 7.49
N ILE A 164 1.98 -17.16 7.21
CA ILE A 164 1.39 -18.46 6.88
C ILE A 164 0.66 -18.33 5.55
N ILE A 165 0.38 -19.48 4.95
CA ILE A 165 -0.44 -19.55 3.74
C ILE A 165 -1.87 -19.85 4.15
N GLU A 166 -2.83 -19.23 3.47
CA GLU A 166 -4.25 -19.46 3.74
C GLU A 166 -4.56 -20.96 3.73
N GLU A 167 -5.38 -21.39 4.71
CA GLU A 167 -5.75 -22.80 4.94
C GLU A 167 -4.56 -23.62 5.45
N GLY B 1 2.30 -13.44 -30.07
CA GLY B 1 2.46 -14.82 -29.63
C GLY B 1 3.28 -14.93 -28.35
N ILE B 2 3.84 -16.12 -28.12
CA ILE B 2 4.61 -16.39 -26.92
C ILE B 2 5.98 -15.73 -27.04
N HIS B 3 6.36 -15.00 -25.99
CA HIS B 3 7.63 -14.30 -25.92
C HIS B 3 8.51 -14.98 -24.88
N LEU B 4 9.76 -15.25 -25.24
CA LEU B 4 10.72 -15.70 -24.26
C LEU B 4 11.14 -14.54 -23.36
N GLY B 5 11.23 -14.80 -22.07
CA GLY B 5 11.63 -13.76 -21.14
C GLY B 5 11.05 -14.00 -19.77
N GLU B 6 11.57 -13.23 -18.82
CA GLU B 6 11.23 -13.38 -17.42
C GLU B 6 10.23 -12.30 -17.03
N LEU B 7 9.41 -12.61 -16.04
CA LEU B 7 8.51 -11.62 -15.48
C LEU B 7 9.33 -10.53 -14.80
N GLY B 8 9.08 -9.28 -15.18
CA GLY B 8 9.86 -8.19 -14.62
C GLY B 8 9.34 -6.83 -15.03
N LEU B 9 9.25 -5.91 -14.07
CA LEU B 9 8.69 -4.59 -14.31
C LEU B 9 9.49 -3.55 -13.56
N LEU B 10 9.34 -2.30 -14.00
CA LEU B 10 9.82 -1.19 -13.20
C LEU B 10 9.08 -1.17 -11.86
N PRO B 11 9.78 -0.92 -10.75
CA PRO B 11 9.06 -0.84 -9.48
C PRO B 11 8.00 0.24 -9.49
N SER B 12 8.26 1.35 -10.18
CA SER B 12 7.28 2.44 -10.23
C SER B 12 5.99 2.00 -10.89
N THR B 13 6.07 1.18 -11.94
CA THR B 13 4.86 0.71 -12.62
C THR B 13 3.97 -0.09 -11.66
N VAL B 14 4.55 -1.07 -10.95
CA VAL B 14 3.77 -1.92 -10.06
C VAL B 14 3.24 -1.11 -8.88
N LEU B 15 4.05 -0.21 -8.33
CA LEU B 15 3.59 0.57 -7.19
C LEU B 15 2.48 1.54 -7.60
N ALA B 16 2.57 2.12 -8.80
CA ALA B 16 1.53 3.01 -9.28
C ALA B 16 0.24 2.27 -9.58
N ILE B 17 0.32 1.06 -10.15
CA ILE B 17 -0.88 0.25 -10.32
C ILE B 17 -1.55 0.02 -8.98
N GLY B 18 -0.78 -0.40 -7.97
CA GLY B 18 -1.34 -0.62 -6.65
C GLY B 18 -1.97 0.64 -6.05
N TYR B 19 -1.29 1.77 -6.20
CA TYR B 19 -1.78 3.03 -5.65
C TYR B 19 -3.08 3.46 -6.30
N PHE B 20 -3.18 3.31 -7.63
CA PHE B 20 -4.41 3.66 -8.30
C PHE B 20 -5.55 2.73 -7.89
N GLU B 21 -5.28 1.43 -7.85
CA GLU B 21 -6.36 0.48 -7.58
C GLU B 21 -6.85 0.59 -6.14
N ASN B 22 -5.94 0.74 -5.19
CA ASN B 22 -6.29 0.58 -3.78
C ASN B 22 -6.38 1.90 -3.02
N LEU B 23 -6.14 3.04 -3.66
CA LEU B 23 -6.44 4.31 -3.02
C LEU B 23 -7.22 5.23 -3.95
N VAL B 24 -6.68 5.51 -5.14
CA VAL B 24 -7.30 6.49 -6.03
C VAL B 24 -8.72 6.07 -6.39
N ASN B 25 -8.88 4.85 -6.88
CA ASN B 25 -10.18 4.40 -7.35
C ASN B 25 -11.20 4.35 -6.22
N ILE B 26 -10.79 3.91 -5.03
CA ILE B 26 -11.77 3.82 -3.95
C ILE B 26 -12.14 5.21 -3.43
N ILE B 27 -11.20 6.16 -3.44
CA ILE B 27 -11.53 7.54 -3.10
C ILE B 27 -12.59 8.08 -4.06
N CYS B 28 -12.35 7.92 -5.37
CA CYS B 28 -13.28 8.44 -6.37
C CYS B 28 -14.65 7.77 -6.25
N GLU B 29 -14.67 6.45 -6.05
CA GLU B 29 -15.94 5.75 -5.94
C GLU B 29 -16.69 6.17 -4.67
N SER B 30 -15.97 6.37 -3.56
CA SER B 30 -16.62 6.82 -2.34
C SER B 30 -17.21 8.21 -2.51
N LEU B 31 -16.46 9.12 -3.15
CA LEU B 31 -16.94 10.49 -3.25
C LEU B 31 -18.06 10.61 -4.27
N ASN B 32 -18.11 9.73 -5.27
CA ASN B 32 -19.22 9.76 -6.22
C ASN B 32 -20.43 8.96 -5.75
N MET B 33 -20.25 8.03 -4.81
CA MET B 33 -21.37 7.25 -4.32
C MET B 33 -22.26 8.11 -3.43
N LEU B 34 -21.66 8.94 -2.59
CA LEU B 34 -22.44 9.80 -1.73
C LEU B 34 -22.87 11.04 -2.49
N PRO B 35 -24.18 11.36 -2.51
CA PRO B 35 -24.61 12.57 -3.25
C PRO B 35 -24.03 13.85 -2.68
N LYS B 36 -23.68 13.86 -1.40
CA LYS B 36 -23.00 14.99 -0.80
C LYS B 36 -22.15 14.52 0.36
N LEU B 37 -21.01 15.18 0.55
CA LEU B 37 -20.07 14.88 1.61
C LEU B 37 -20.02 16.04 2.59
N GLU B 38 -19.95 15.72 3.88
CA GLU B 38 -19.94 16.75 4.92
C GLU B 38 -18.80 16.46 5.87
N VAL B 39 -18.03 17.50 6.20
CA VAL B 39 -16.89 17.37 7.10
C VAL B 39 -16.77 18.67 7.91
N SER B 40 -16.54 18.51 9.22
CA SER B 40 -16.30 19.64 10.13
C SER B 40 -17.43 20.67 10.08
N GLY B 41 -18.67 20.18 10.03
CA GLY B 41 -19.84 21.05 10.04
C GLY B 41 -20.12 21.77 8.74
N LYS B 42 -19.37 21.48 7.69
CA LYS B 42 -19.55 22.10 6.39
C LYS B 42 -19.87 21.01 5.38
N GLU B 43 -20.66 21.36 4.36
CA GLU B 43 -21.05 20.42 3.32
C GLU B 43 -20.30 20.72 2.03
N TYR B 44 -19.85 19.66 1.37
CA TYR B 44 -19.18 19.78 0.08
C TYR B 44 -19.84 18.88 -0.96
N LYS B 45 -20.10 19.45 -2.13
CA LYS B 45 -20.67 18.74 -3.27
C LYS B 45 -19.67 18.55 -4.40
N LYS B 46 -18.53 19.24 -4.37
CA LYS B 46 -17.52 19.14 -5.40
C LYS B 46 -16.20 18.73 -4.73
N PHE B 47 -15.41 17.93 -5.45
CA PHE B 47 -14.17 17.41 -4.89
C PHE B 47 -13.03 17.45 -5.90
N LYS B 48 -11.82 17.67 -5.39
CA LYS B 48 -10.60 17.53 -6.17
C LYS B 48 -9.57 16.75 -5.34
N PHE B 49 -8.97 15.74 -5.95
CA PHE B 49 -7.92 14.94 -5.33
C PHE B 49 -6.60 15.24 -6.05
N THR B 50 -5.65 15.79 -5.33
CA THR B 50 -4.34 16.15 -5.86
C THR B 50 -3.30 15.17 -5.32
N ILE B 51 -2.64 14.46 -6.21
CA ILE B 51 -1.56 13.54 -5.86
C ILE B 51 -0.24 14.27 -6.06
N VAL B 52 0.53 14.43 -4.99
CA VAL B 52 1.78 15.18 -5.01
C VAL B 52 2.93 14.18 -5.08
N ILE B 53 3.65 14.17 -6.18
CA ILE B 53 4.82 13.30 -6.32
C ILE B 53 6.03 13.98 -5.67
N PRO B 54 6.78 13.29 -4.82
CA PRO B 54 7.91 13.94 -4.14
C PRO B 54 8.94 14.44 -5.13
N LYS B 55 9.55 15.59 -4.79
CA LYS B 55 10.59 16.18 -5.62
C LYS B 55 11.85 15.32 -5.63
N ASP B 56 12.23 14.78 -4.47
CA ASP B 56 13.37 13.88 -4.34
C ASP B 56 12.89 12.55 -3.78
N LEU B 57 13.55 11.46 -4.20
CA LEU B 57 13.14 10.13 -3.78
C LEU B 57 13.91 9.75 -2.52
N ASP B 58 13.30 10.00 -1.36
CA ASP B 58 13.82 9.52 -0.10
C ASP B 58 13.21 8.17 0.21
N ALA B 59 13.98 7.33 0.90
CA ALA B 59 13.48 6.01 1.24
C ALA B 59 12.23 6.08 2.12
N ASN B 60 12.13 7.09 2.99
CA ASN B 60 11.01 7.18 3.91
C ASN B 60 10.12 8.35 3.46
N ILE B 61 9.12 8.01 2.64
CA ILE B 61 8.19 9.03 2.15
C ILE B 61 7.14 9.35 3.20
N LYS B 62 6.97 8.51 4.23
CA LYS B 62 6.06 8.87 5.31
C LYS B 62 6.53 10.15 6.00
N LYS B 63 7.84 10.24 6.28
CA LYS B 63 8.40 11.45 6.88
C LYS B 63 8.28 12.63 5.93
N ARG B 64 8.58 12.42 4.65
CA ARG B 64 8.51 13.50 3.68
C ARG B 64 7.08 14.03 3.56
N ALA B 65 6.11 13.13 3.51
CA ALA B 65 4.70 13.51 3.46
C ALA B 65 4.30 14.29 4.70
N LYS B 66 4.73 13.82 5.89
CA LYS B 66 4.42 14.55 7.10
C LYS B 66 4.96 15.97 7.05
N ILE B 67 6.22 16.13 6.61
CA ILE B 67 6.80 17.46 6.49
C ILE B 67 6.01 18.32 5.50
N TYR B 68 5.66 17.75 4.35
CA TYR B 68 4.95 18.51 3.32
C TYR B 68 3.57 18.94 3.81
N PHE B 69 2.84 18.04 4.47
CA PHE B 69 1.52 18.38 5.00
C PHE B 69 1.62 19.46 6.07
N LYS B 70 2.65 19.37 6.92
CA LYS B 70 2.87 20.40 7.93
C LYS B 70 3.16 21.76 7.29
N GLN B 71 4.01 21.77 6.26
CA GLN B 71 4.37 23.03 5.62
C GLN B 71 3.17 23.67 4.94
N LYS B 72 2.29 22.87 4.35
CA LYS B 72 1.11 23.42 3.68
C LYS B 72 -0.06 23.62 4.62
N SER B 73 0.08 23.29 5.90
CA SER B 73 -1.00 23.40 6.88
C SER B 73 -2.25 22.64 6.44
N LEU B 74 -2.06 21.39 6.03
CA LEU B 74 -3.15 20.49 5.68
C LEU B 74 -3.44 19.58 6.87
N ILE B 75 -4.70 19.22 7.03
CA ILE B 75 -5.05 18.41 8.19
C ILE B 75 -5.70 17.12 7.74
N GLU B 76 -5.68 16.14 8.65
CA GLU B 76 -6.21 14.82 8.36
C GLU B 76 -7.71 14.85 8.16
N ILE B 77 -8.18 14.01 7.24
CA ILE B 77 -9.60 13.81 6.99
C ILE B 77 -9.81 12.33 6.70
N GLU B 78 -10.94 11.82 7.17
CA GLU B 78 -11.31 10.42 7.03
C GLU B 78 -12.56 10.33 6.17
N ILE B 79 -12.47 9.57 5.09
CA ILE B 79 -13.54 9.39 4.10
C ILE B 79 -14.01 7.95 4.17
N PRO B 80 -15.29 7.69 4.40
CA PRO B 80 -15.77 6.31 4.48
C PRO B 80 -15.77 5.64 3.12
N THR B 81 -15.66 4.31 3.14
CA THR B 81 -15.68 3.53 1.92
C THR B 81 -16.34 2.19 2.21
N SER B 82 -17.07 1.68 1.22
CA SER B 82 -17.67 0.36 1.30
C SER B 82 -16.81 -0.71 0.66
N SER B 83 -15.71 -0.33 0.02
CA SER B 83 -14.80 -1.26 -0.63
C SER B 83 -13.68 -1.74 0.28
N ARG B 84 -13.72 -1.40 1.56
CA ARG B 84 -12.61 -1.75 2.43
C ARG B 84 -13.11 -1.67 3.87
N ASN B 85 -12.59 -2.54 4.74
CA ASN B 85 -13.09 -2.58 6.12
C ASN B 85 -12.50 -1.49 6.99
N TYR B 86 -11.83 -0.50 6.41
CA TYR B 86 -11.41 0.66 7.17
C TYR B 86 -11.39 1.86 6.23
N PRO B 87 -11.67 3.05 6.75
CA PRO B 87 -11.85 4.21 5.88
C PRO B 87 -10.55 4.70 5.27
N ILE B 88 -10.71 5.59 4.30
CA ILE B 88 -9.60 6.24 3.65
C ILE B 88 -9.14 7.40 4.52
N HIS B 89 -7.83 7.53 4.71
CA HIS B 89 -7.27 8.62 5.50
C HIS B 89 -6.41 9.46 4.58
N ILE B 90 -6.82 10.70 4.33
CA ILE B 90 -5.99 11.58 3.50
C ILE B 90 -5.91 12.95 4.15
N GLN B 91 -5.44 13.94 3.40
CA GLN B 91 -5.29 15.29 3.91
C GLN B 91 -6.18 16.23 3.12
N PHE B 92 -6.55 17.34 3.76
CA PHE B 92 -7.34 18.35 3.07
C PHE B 92 -7.01 19.73 3.62
N ASP B 93 -7.44 20.73 2.86
CA ASP B 93 -7.18 22.14 3.12
C ASP B 93 -8.42 22.78 3.75
N GLU B 94 -8.37 23.02 5.05
CA GLU B 94 -9.44 23.75 5.74
C GLU B 94 -9.37 25.24 5.49
N ASN B 95 -8.34 25.72 4.79
CA ASN B 95 -8.13 27.12 4.45
C ASN B 95 -8.45 27.41 2.98
N SER B 96 -9.22 26.54 2.34
CA SER B 96 -9.61 26.73 0.95
C SER B 96 -10.59 27.91 0.82
N THR B 97 -10.67 28.46 -0.39
CA THR B 97 -11.44 29.67 -0.62
C THR B 97 -12.65 29.42 -1.53
N ASP B 98 -13.07 28.17 -1.66
CA ASP B 98 -14.18 27.81 -2.53
C ASP B 98 -15.07 26.82 -1.78
N ASP B 99 -16.07 26.28 -2.50
CA ASP B 99 -16.90 25.18 -2.02
C ASP B 99 -16.40 23.82 -2.50
N ILE B 100 -15.18 23.76 -3.01
CA ILE B 100 -14.59 22.50 -3.43
C ILE B 100 -13.74 21.94 -2.28
N LEU B 101 -13.96 20.68 -1.96
CA LEU B 101 -13.12 19.98 -0.98
C LEU B 101 -11.84 19.56 -1.67
N HIS B 102 -10.73 20.20 -1.32
CA HIS B 102 -9.42 19.92 -1.91
C HIS B 102 -8.70 18.88 -1.06
N LEU B 103 -8.50 17.69 -1.62
CA LEU B 103 -7.84 16.57 -0.95
C LEU B 103 -6.44 16.37 -1.53
N TYR B 104 -5.52 15.88 -0.70
CA TYR B 104 -4.13 15.76 -1.08
C TYR B 104 -3.52 14.47 -0.53
N ASP B 105 -2.57 13.91 -1.26
CA ASP B 105 -1.77 12.79 -0.76
C ASP B 105 -0.42 12.78 -1.45
N MET B 106 0.62 12.40 -0.70
CA MET B 106 1.92 12.09 -1.25
C MET B 106 2.14 10.58 -1.11
N PRO B 107 2.18 9.81 -2.22
CA PRO B 107 2.10 8.34 -2.10
C PRO B 107 3.25 7.71 -1.34
N THR B 108 2.96 7.18 -0.15
CA THR B 108 4.03 6.59 0.66
C THR B 108 4.65 5.35 0.00
N THR B 109 3.88 4.62 -0.83
CA THR B 109 4.40 3.45 -1.52
C THR B 109 5.68 3.76 -2.32
N ILE B 110 5.81 5.00 -2.79
CA ILE B 110 6.98 5.42 -3.58
C ILE B 110 8.28 5.12 -2.86
N GLY B 111 8.27 5.19 -1.52
CA GLY B 111 9.50 4.97 -0.78
C GLY B 111 10.20 3.67 -1.16
N GLY B 112 9.42 2.61 -1.41
CA GLY B 112 10.02 1.33 -1.71
C GLY B 112 10.97 1.36 -2.91
N ILE B 113 10.66 2.21 -3.89
CA ILE B 113 11.50 2.29 -5.09
C ILE B 113 12.97 2.46 -4.70
N ASP B 114 13.25 3.30 -3.70
CA ASP B 114 14.63 3.59 -3.36
C ASP B 114 15.38 2.29 -3.07
N LYS B 115 14.78 1.40 -2.28
CA LYS B 115 15.40 0.12 -1.98
C LYS B 115 15.75 -0.62 -3.27
N ALA B 116 14.78 -0.73 -4.17
CA ALA B 116 15.02 -1.41 -5.44
C ALA B 116 16.22 -0.80 -6.15
N ILE B 117 16.26 0.54 -6.20
CA ILE B 117 17.35 1.19 -6.93
C ILE B 117 18.69 0.80 -6.32
N GLU B 118 18.76 0.79 -4.99
CA GLU B 118 20.03 0.46 -4.37
C GLU B 118 20.47 -0.95 -4.74
N MET B 119 19.53 -1.91 -4.72
CA MET B 119 19.91 -3.26 -5.10
C MET B 119 20.36 -3.32 -6.55
N PHE B 120 19.77 -2.49 -7.41
CA PHE B 120 20.20 -2.47 -8.81
C PHE B 120 21.63 -1.95 -8.93
N MET B 121 22.04 -1.05 -8.05
CA MET B 121 23.35 -0.44 -8.16
C MET B 121 24.42 -1.21 -7.39
N ARG B 122 24.04 -2.21 -6.60
CA ARG B 122 24.98 -2.94 -5.72
C ARG B 122 25.81 -1.95 -4.90
N LYS B 123 25.12 -1.04 -4.23
CA LYS B 123 25.76 0.08 -3.57
C LYS B 123 26.71 -0.39 -2.47
N GLY B 124 27.92 0.17 -2.48
CA GLY B 124 28.93 -0.16 -1.48
C GLY B 124 29.43 1.03 -0.69
N HIS B 125 28.80 2.19 -0.84
CA HIS B 125 29.26 3.42 -0.19
C HIS B 125 28.07 4.23 0.30
N ILE B 126 28.35 5.10 1.27
CA ILE B 126 27.35 6.03 1.80
C ILE B 126 27.29 7.27 0.91
N GLY B 127 26.08 7.65 0.51
CA GLY B 127 25.90 8.81 -0.33
C GLY B 127 25.17 8.47 -1.61
N LYS B 128 24.56 9.47 -2.24
CA LYS B 128 23.84 9.29 -3.49
C LYS B 128 24.68 9.84 -4.62
N THR B 129 25.09 8.96 -5.53
CA THR B 129 25.77 9.39 -6.74
C THR B 129 24.77 10.04 -7.69
N ASP B 130 25.30 10.83 -8.62
CA ASP B 130 24.44 11.45 -9.63
C ASP B 130 23.73 10.41 -10.48
N GLN B 131 24.33 9.22 -10.61
CA GLN B 131 23.66 8.12 -11.30
C GLN B 131 22.44 7.63 -10.53
N GLN B 132 22.57 7.50 -9.20
CA GLN B 132 21.42 7.13 -8.38
C GLN B 132 20.33 8.19 -8.46
N LYS B 133 20.72 9.47 -8.45
CA LYS B 133 19.74 10.54 -8.58
C LYS B 133 19.02 10.47 -9.92
N LEU B 134 19.77 10.19 -11.00
CA LEU B 134 19.14 10.05 -12.31
C LEU B 134 18.14 8.89 -12.33
N LEU B 135 18.51 7.75 -11.74
CA LEU B 135 17.58 6.62 -11.69
C LEU B 135 16.34 6.97 -10.89
N GLU B 136 16.52 7.67 -9.76
CA GLU B 136 15.39 8.09 -8.94
C GLU B 136 14.45 9.02 -9.72
N GLU B 137 15.01 10.01 -10.42
CA GLU B 137 14.17 10.94 -11.17
C GLU B 137 13.41 10.22 -12.28
N ARG B 138 14.09 9.29 -12.96
CA ARG B 138 13.44 8.49 -13.99
C ARG B 138 12.28 7.67 -13.41
N GLU B 139 12.47 7.11 -12.20
CA GLU B 139 11.41 6.33 -11.58
C GLU B 139 10.23 7.21 -11.15
N LEU B 140 10.52 8.40 -10.61
CA LEU B 140 9.45 9.33 -10.24
C LEU B 140 8.64 9.72 -11.46
N ARG B 141 9.32 10.00 -12.58
CA ARG B 141 8.62 10.32 -13.81
C ARG B 141 7.75 9.15 -14.28
N ASN B 142 8.28 7.92 -14.20
CA ASN B 142 7.50 6.79 -14.68
C ASN B 142 6.30 6.51 -13.76
N PHE B 143 6.47 6.69 -12.46
CA PHE B 143 5.34 6.56 -11.54
C PHE B 143 4.24 7.55 -11.89
N LYS B 144 4.62 8.82 -12.11
CA LYS B 144 3.65 9.83 -12.50
C LYS B 144 2.96 9.49 -13.81
N THR B 145 3.74 9.06 -14.81
CA THR B 145 3.18 8.72 -16.13
C THR B 145 2.19 7.58 -16.02
N THR B 146 2.56 6.50 -15.32
CA THR B 146 1.67 5.35 -15.19
C THR B 146 0.39 5.74 -14.46
N LEU B 147 0.50 6.54 -13.40
CA LEU B 147 -0.68 6.98 -12.68
C LEU B 147 -1.61 7.82 -13.57
N GLU B 148 -1.04 8.75 -14.34
CA GLU B 148 -1.85 9.59 -15.22
C GLU B 148 -2.53 8.75 -16.30
N ASN B 149 -1.82 7.75 -16.84
CA ASN B 149 -2.43 6.87 -17.80
C ASN B 149 -3.59 6.09 -17.20
N LEU B 150 -3.44 5.63 -15.94
CA LEU B 150 -4.53 4.91 -15.29
C LEU B 150 -5.71 5.84 -15.01
N ILE B 151 -5.44 7.08 -14.60
CA ILE B 151 -6.50 8.03 -14.32
C ILE B 151 -7.29 8.34 -15.59
N ALA B 152 -6.60 8.42 -16.73
CA ALA B 152 -7.27 8.70 -17.99
C ALA B 152 -8.28 7.61 -18.39
N THR B 153 -8.18 6.41 -17.83
CA THR B 153 -9.08 5.32 -18.21
C THR B 153 -10.33 5.22 -17.34
N ASP B 154 -10.52 6.15 -16.40
CA ASP B 154 -11.63 6.07 -15.44
C ASP B 154 -12.35 7.41 -15.41
N ALA B 155 -13.66 7.38 -15.62
CA ALA B 155 -14.43 8.61 -15.71
C ALA B 155 -14.41 9.37 -14.38
N PHE B 156 -14.59 8.67 -13.27
CA PHE B 156 -14.50 9.31 -11.96
C PHE B 156 -13.14 9.97 -11.76
N ALA B 157 -12.07 9.20 -11.96
CA ALA B 157 -10.72 9.73 -11.72
C ALA B 157 -10.40 10.87 -12.66
N LYS B 158 -10.72 10.71 -13.96
CA LYS B 158 -10.47 11.78 -14.90
C LYS B 158 -11.22 13.06 -14.52
N GLU B 159 -12.40 12.94 -13.93
CA GLU B 159 -13.12 14.15 -13.56
C GLU B 159 -12.47 14.84 -12.36
N MET B 160 -12.00 14.08 -11.38
CA MET B 160 -11.64 14.75 -10.13
C MET B 160 -10.19 14.60 -9.64
N VAL B 161 -9.29 13.96 -10.39
CA VAL B 161 -7.95 13.71 -9.89
C VAL B 161 -6.92 14.41 -10.77
N GLU B 162 -5.92 15.02 -10.13
CA GLU B 162 -4.76 15.60 -10.80
C GLU B 162 -3.49 15.15 -10.09
N VAL B 163 -2.40 15.10 -10.85
CA VAL B 163 -1.09 14.67 -10.35
C VAL B 163 -0.09 15.78 -10.62
N ILE B 164 0.54 16.29 -9.57
CA ILE B 164 1.52 17.36 -9.67
C ILE B 164 2.82 16.93 -8.99
N ILE B 165 3.88 17.65 -9.29
CA ILE B 165 5.19 17.44 -8.65
C ILE B 165 5.34 18.41 -7.50
N GLU B 166 5.91 17.93 -6.39
CA GLU B 166 6.15 18.73 -5.20
C GLU B 166 6.95 19.99 -5.56
N GLU B 167 6.55 21.11 -4.93
CA GLU B 167 7.20 22.41 -5.09
C GLU B 167 7.03 22.99 -6.50
#